data_5AWU
#
_entry.id   5AWU
#
_cell.length_a   109.562
_cell.length_b   109.562
_cell.length_c   80.094
_cell.angle_alpha   90.00
_cell.angle_beta   90.00
_cell.angle_gamma   90.00
#
_symmetry.space_group_name_H-M   'P 4 21 2'
#
loop_
_entity.id
_entity.type
_entity.pdbx_description
1 polymer 'SH3-containing GRB2-like protein 3-interacting protein 1'
2 polymer 'Epidermal growth factor receptor substrate 15'
3 non-polymer 'ZINC ION'
4 water water
#
loop_
_entity_poly.entity_id
_entity_poly.type
_entity_poly.pdbx_seq_one_letter_code
_entity_poly.pdbx_strand_id
1 'polypeptide(L)'
;GPLGSLTMGAQDTLPVAAAFTETVNAYFKGADPSKCIVKITGEMVLSFPAGITRHFANNPSPAALTFRVINFSRLEHVLP
NPQLLCCDNTQNDANTKEFWVNMPNLMTHLKKVSEQKPQATYYNVDMLKYQVSAQGIQSTPLNLAVNWRCEPSSTDLRID
YKYNTDAMTTAVALNNVQFLVPIDGGVTKLQAVLPPAVWNAEQQRILWKIPDISQKSENGGVGSLLARFQLSEGPSKPSP
LVVQFTSEGSTLSGCDIELVGAGYRFSLIKKRFAAGKYLADN
;
A
2 'polypeptide(L)' YDPFKGSDPFA B
#
# COMPACT_ATOMS: atom_id res chain seq x y z
N THR A 13 -2.85 -32.02 -7.75
CA THR A 13 -3.44 -30.73 -8.14
C THR A 13 -2.36 -29.66 -8.34
N LEU A 14 -2.75 -28.54 -8.95
CA LEU A 14 -1.83 -27.45 -9.21
C LEU A 14 -1.82 -26.43 -8.08
N PRO A 15 -0.61 -26.05 -7.63
CA PRO A 15 -0.48 -24.95 -6.68
C PRO A 15 -0.60 -23.62 -7.41
N VAL A 16 -1.12 -22.61 -6.72
CA VAL A 16 -1.35 -21.27 -7.25
C VAL A 16 -1.22 -20.27 -6.07
N ALA A 17 -0.91 -19.01 -6.35
CA ALA A 17 -0.81 -18.00 -5.29
C ALA A 17 -1.70 -16.77 -5.56
N ALA A 18 -1.96 -15.99 -4.52
CA ALA A 18 -2.74 -14.76 -4.68
C ALA A 18 -2.09 -13.61 -3.92
N ALA A 19 -2.36 -12.40 -4.37
CA ALA A 19 -1.83 -11.21 -3.73
C ALA A 19 -2.83 -10.04 -3.81
N PHE A 20 -3.18 -9.49 -2.66
CA PHE A 20 -3.90 -8.21 -2.64
C PHE A 20 -2.91 -7.10 -2.30
N THR A 21 -2.96 -6.02 -3.06
CA THR A 21 -2.07 -4.89 -2.81
C THR A 21 -2.83 -3.58 -2.88
N GLU A 22 -2.97 -2.92 -1.74
CA GLU A 22 -3.72 -1.67 -1.66
C GLU A 22 -2.81 -0.48 -1.44
N THR A 23 -3.09 0.61 -2.17
CA THR A 23 -2.39 1.86 -1.99
C THR A 23 -3.35 2.86 -1.34
N VAL A 24 -2.89 3.52 -0.29
CA VAL A 24 -3.72 4.50 0.39
C VAL A 24 -3.20 5.91 0.14
N ASN A 25 -4.10 6.78 -0.28
CA ASN A 25 -3.77 8.17 -0.45
C ASN A 25 -4.58 9.00 0.54
N ALA A 26 -3.91 9.93 1.21
CA ALA A 26 -4.58 10.81 2.14
C ALA A 26 -4.06 12.22 2.00
N TYR A 27 -4.91 13.19 2.35
CA TYR A 27 -4.49 14.58 2.41
C TYR A 27 -5.16 15.24 3.59
N PHE A 28 -4.34 15.58 4.57
CA PHE A 28 -4.80 16.21 5.78
C PHE A 28 -4.64 17.73 5.69
N LYS A 29 -5.46 18.46 6.46
CA LYS A 29 -5.44 19.92 6.48
C LYS A 29 -5.39 20.37 7.94
N GLY A 30 -4.23 20.87 8.38
CA GLY A 30 -4.01 21.18 9.78
C GLY A 30 -4.61 20.13 10.67
N ALA A 31 -5.44 20.55 11.64
CA ALA A 31 -5.96 19.60 12.61
C ALA A 31 -7.42 19.21 12.39
N ASP A 32 -7.98 19.60 11.24
CA ASP A 32 -9.40 19.38 10.94
C ASP A 32 -9.72 18.09 10.15
N PRO A 33 -10.13 17.02 10.88
CA PRO A 33 -10.45 15.68 10.36
C PRO A 33 -11.50 15.71 9.26
N SER A 34 -12.35 16.73 9.26
CA SER A 34 -13.44 16.81 8.29
C SER A 34 -12.87 17.15 6.94
N LYS A 35 -11.65 17.67 6.94
CA LYS A 35 -11.10 18.20 5.71
C LYS A 35 -10.13 17.21 5.02
N CYS A 36 -9.88 16.08 5.68
CA CYS A 36 -9.02 15.01 5.19
C CYS A 36 -9.59 14.19 4.04
N ILE A 37 -8.99 14.31 2.85
CA ILE A 37 -9.45 13.59 1.68
C ILE A 37 -8.71 12.23 1.48
N VAL A 38 -9.47 11.15 1.29
CA VAL A 38 -8.88 9.81 1.25
C VAL A 38 -9.30 9.01 0.01
N LYS A 39 -8.36 8.30 -0.59
CA LYS A 39 -8.67 7.44 -1.75
C LYS A 39 -7.79 6.20 -1.73
N ILE A 40 -8.41 5.03 -1.73
CA ILE A 40 -7.67 3.79 -1.61
C ILE A 40 -7.90 2.98 -2.87
N THR A 41 -6.81 2.56 -3.53
CA THR A 41 -6.93 1.69 -4.69
C THR A 41 -6.29 0.36 -4.35
N GLY A 42 -6.33 -0.56 -5.28
CA GLY A 42 -5.90 -1.89 -4.97
C GLY A 42 -5.93 -2.80 -6.17
N GLU A 43 -5.23 -3.91 -6.04
CA GLU A 43 -4.98 -4.79 -7.15
C GLU A 43 -4.93 -6.22 -6.65
N MET A 44 -5.53 -7.13 -7.39
CA MET A 44 -5.49 -8.55 -7.06
C MET A 44 -4.75 -9.30 -8.17
N VAL A 45 -3.75 -10.05 -7.74
CA VAL A 45 -2.88 -10.79 -8.66
C VAL A 45 -2.89 -12.28 -8.33
N LEU A 46 -2.99 -13.09 -9.38
CA LEU A 46 -2.88 -14.53 -9.27
C LEU A 46 -1.53 -14.96 -9.84
N SER A 47 -0.89 -15.92 -9.19
CA SER A 47 0.44 -16.34 -9.62
C SER A 47 0.50 -17.85 -9.86
N PHE A 48 1.18 -18.25 -10.94
CA PHE A 48 1.33 -19.67 -11.30
C PHE A 48 2.80 -20.10 -11.34
N PRO A 49 3.11 -21.36 -10.92
CA PRO A 49 4.50 -21.89 -10.88
C PRO A 49 4.98 -22.31 -12.27
N ALA A 50 6.29 -22.32 -12.52
CA ALA A 50 6.85 -22.67 -13.85
C ALA A 50 6.32 -23.99 -14.41
N GLY A 51 6.25 -24.99 -13.54
CA GLY A 51 5.65 -26.28 -13.85
C GLY A 51 4.45 -26.28 -14.78
N ILE A 52 3.63 -25.23 -14.69
CA ILE A 52 2.40 -25.13 -15.49
C ILE A 52 2.62 -25.37 -16.97
N THR A 53 3.77 -24.93 -17.48
CA THR A 53 4.12 -25.18 -18.88
C THR A 53 3.91 -26.66 -19.21
N ARG A 54 4.58 -27.53 -18.46
CA ARG A 54 4.46 -28.97 -18.64
C ARG A 54 3.08 -29.44 -18.22
N HIS A 55 2.52 -28.82 -17.19
CA HIS A 55 1.23 -29.24 -16.69
C HIS A 55 0.10 -28.97 -17.70
N PHE A 56 0.17 -27.85 -18.40
CA PHE A 56 -0.85 -27.54 -19.39
C PHE A 56 -0.55 -28.19 -20.72
N ALA A 57 0.42 -29.11 -20.72
CA ALA A 57 0.70 -29.89 -21.91
C ALA A 57 0.10 -31.27 -21.69
N ASN A 58 0.15 -31.71 -20.44
CA ASN A 58 -0.44 -32.98 -20.02
C ASN A 58 -1.94 -32.89 -19.75
N ASN A 59 -2.54 -31.72 -19.96
CA ASN A 59 -3.90 -31.50 -19.46
C ASN A 59 -5.05 -31.03 -20.38
N PRO A 60 -4.81 -30.02 -21.25
CA PRO A 60 -5.92 -29.25 -21.87
C PRO A 60 -7.00 -30.11 -22.52
N SER A 61 -8.27 -29.93 -22.15
CA SER A 61 -8.70 -28.86 -21.25
C SER A 61 -8.57 -29.16 -19.74
N PRO A 62 -7.94 -28.24 -19.00
CA PRO A 62 -7.74 -28.38 -17.55
C PRO A 62 -9.00 -28.11 -16.72
N ALA A 63 -8.92 -28.36 -15.41
CA ALA A 63 -10.04 -28.12 -14.51
C ALA A 63 -10.31 -26.61 -14.43
N ALA A 64 -11.59 -26.25 -14.48
CA ALA A 64 -11.96 -24.83 -14.45
C ALA A 64 -11.43 -24.14 -13.20
N LEU A 65 -10.74 -23.03 -13.40
CA LEU A 65 -10.21 -22.24 -12.30
C LEU A 65 -11.27 -21.23 -11.88
N THR A 66 -11.98 -21.52 -10.80
CA THR A 66 -12.98 -20.59 -10.30
C THR A 66 -12.63 -20.14 -8.89
N PHE A 67 -12.76 -18.86 -8.61
CA PHE A 67 -12.56 -18.37 -7.24
C PHE A 67 -13.67 -17.44 -6.72
N ARG A 68 -13.69 -17.19 -5.41
CA ARG A 68 -14.59 -16.16 -4.89
C ARG A 68 -13.81 -15.10 -4.11
N VAL A 69 -14.17 -13.86 -4.35
CA VAL A 69 -13.68 -12.76 -3.53
C VAL A 69 -14.70 -12.44 -2.45
N ILE A 70 -14.20 -12.48 -1.22
CA ILE A 70 -14.98 -12.27 0.00
C ILE A 70 -14.94 -10.78 0.39
N ASN A 71 -16.06 -10.28 0.95
CA ASN A 71 -16.20 -8.87 1.33
C ASN A 71 -16.08 -7.91 0.15
N PHE A 72 -16.68 -8.31 -0.95
CA PHE A 72 -16.67 -7.59 -2.21
C PHE A 72 -17.53 -6.32 -2.12
N SER A 73 -18.30 -6.21 -1.04
CA SER A 73 -19.17 -5.07 -0.82
C SER A 73 -18.35 -3.82 -0.60
N ARG A 74 -17.24 -3.99 0.11
CA ARG A 74 -16.33 -2.91 0.46
C ARG A 74 -15.61 -2.29 -0.76
N LEU A 75 -15.71 -2.93 -1.92
CA LEU A 75 -15.05 -2.46 -3.13
C LEU A 75 -15.97 -1.65 -4.06
N GLU A 76 -15.43 -0.62 -4.69
CA GLU A 76 -16.12 0.12 -5.76
C GLU A 76 -15.19 0.28 -6.99
N HIS A 77 -15.77 0.59 -8.15
CA HIS A 77 -15.00 0.85 -9.38
C HIS A 77 -14.13 -0.34 -9.75
N VAL A 78 -14.71 -1.54 -9.75
CA VAL A 78 -13.98 -2.78 -10.00
C VAL A 78 -13.80 -3.10 -11.49
N LEU A 79 -12.54 -3.24 -11.92
CA LEU A 79 -12.18 -3.52 -13.31
C LEU A 79 -11.54 -4.91 -13.42
N PRO A 80 -12.28 -5.89 -13.96
CA PRO A 80 -11.72 -7.24 -14.12
C PRO A 80 -10.89 -7.38 -15.40
N ASN A 81 -9.81 -8.17 -15.32
CA ASN A 81 -8.98 -8.40 -16.49
C ASN A 81 -9.83 -8.85 -17.67
N PRO A 82 -9.83 -8.05 -18.76
CA PRO A 82 -10.76 -8.24 -19.90
C PRO A 82 -10.45 -9.47 -20.73
N GLN A 83 -9.20 -9.93 -20.69
CA GLN A 83 -8.78 -11.12 -21.43
C GLN A 83 -9.11 -12.39 -20.63
N LEU A 84 -9.11 -12.25 -19.31
CA LEU A 84 -9.34 -13.38 -18.44
C LEU A 84 -10.70 -13.46 -17.70
N LEU A 85 -11.54 -12.40 -17.71
CA LEU A 85 -12.78 -12.33 -16.86
C LEU A 85 -14.04 -11.51 -17.33
N CYS A 86 -15.22 -11.88 -16.79
CA CYS A 86 -16.49 -11.08 -16.79
C CYS A 86 -17.23 -10.87 -18.12
N CYS A 87 -17.48 -11.98 -18.81
CA CYS A 87 -18.41 -12.03 -19.93
C CYS A 87 -18.73 -13.47 -20.24
N ASP A 93 -23.49 -11.44 -5.73
CA ASP A 93 -24.71 -11.09 -5.01
C ASP A 93 -24.59 -9.70 -4.41
N ALA A 94 -24.20 -9.63 -3.14
CA ALA A 94 -24.08 -8.34 -2.45
C ALA A 94 -22.81 -8.21 -1.61
N ASN A 95 -22.20 -9.34 -1.27
CA ASN A 95 -20.99 -9.33 -0.44
C ASN A 95 -19.94 -10.36 -0.87
N THR A 96 -20.34 -11.26 -1.77
CA THR A 96 -19.44 -12.27 -2.32
C THR A 96 -19.50 -12.19 -3.83
N LYS A 97 -18.35 -12.25 -4.51
CA LYS A 97 -18.40 -12.37 -5.98
C LYS A 97 -17.64 -13.60 -6.47
N GLU A 98 -18.23 -14.34 -7.40
CA GLU A 98 -17.57 -15.52 -7.96
C GLU A 98 -17.09 -15.28 -9.40
N PHE A 99 -15.89 -15.76 -9.69
CA PHE A 99 -15.29 -15.65 -11.01
C PHE A 99 -14.84 -16.98 -11.60
N TRP A 100 -15.18 -17.20 -12.86
CA TRP A 100 -14.65 -18.31 -13.67
C TRP A 100 -13.59 -17.77 -14.63
N VAL A 101 -12.30 -17.98 -14.34
CA VAL A 101 -11.22 -17.58 -15.27
C VAL A 101 -11.36 -18.23 -16.67
N ASN A 102 -11.10 -17.46 -17.73
CA ASN A 102 -11.03 -18.01 -19.11
C ASN A 102 -9.74 -18.80 -19.30
N MET A 103 -9.85 -20.12 -19.40
CA MET A 103 -8.68 -21.00 -19.42
C MET A 103 -7.83 -20.93 -20.71
N PRO A 104 -8.46 -20.99 -21.90
CA PRO A 104 -7.69 -20.80 -23.14
C PRO A 104 -6.83 -19.53 -23.21
N ASN A 105 -7.33 -18.43 -22.66
CA ASN A 105 -6.54 -17.19 -22.72
C ASN A 105 -5.45 -17.17 -21.66
N LEU A 106 -5.74 -17.80 -20.52
CA LEU A 106 -4.78 -17.89 -19.43
C LEU A 106 -3.62 -18.72 -19.94
N MET A 107 -3.93 -19.82 -20.61
CA MET A 107 -2.93 -20.73 -21.15
C MET A 107 -2.13 -20.06 -22.25
N THR A 108 -2.80 -19.34 -23.16
CA THR A 108 -2.10 -18.61 -24.21
C THR A 108 -1.08 -17.64 -23.60
N HIS A 109 -1.56 -16.84 -22.68
CA HIS A 109 -0.73 -15.90 -21.93
C HIS A 109 0.47 -16.60 -21.28
N LEU A 110 0.20 -17.65 -20.52
CA LEU A 110 1.23 -18.32 -19.73
C LEU A 110 2.29 -18.97 -20.62
N LYS A 111 1.85 -19.51 -21.75
CA LYS A 111 2.76 -20.06 -22.74
C LYS A 111 3.65 -18.96 -23.32
N LYS A 112 3.06 -17.80 -23.61
CA LYS A 112 3.84 -16.67 -24.10
C LYS A 112 4.91 -16.23 -23.10
N VAL A 113 4.51 -15.99 -21.86
CA VAL A 113 5.45 -15.55 -20.83
C VAL A 113 6.53 -16.60 -20.50
N SER A 114 6.18 -17.89 -20.54
CA SER A 114 7.16 -18.95 -20.25
C SER A 114 8.15 -19.22 -21.39
N GLU A 115 7.75 -18.93 -22.63
CA GLU A 115 8.74 -18.90 -23.69
C GLU A 115 9.61 -17.66 -23.52
N GLN A 116 9.02 -16.54 -23.12
CA GLN A 116 9.80 -15.30 -23.02
C GLN A 116 10.77 -15.30 -21.83
N LYS A 117 10.32 -15.78 -20.68
CA LYS A 117 11.19 -15.89 -19.52
C LYS A 117 11.25 -17.33 -19.04
N PRO A 118 12.03 -18.16 -19.77
CA PRO A 118 12.09 -19.61 -19.58
C PRO A 118 12.70 -19.95 -18.23
N GLN A 119 13.48 -19.02 -17.70
CA GLN A 119 14.16 -19.26 -16.45
C GLN A 119 13.53 -18.41 -15.36
N ALA A 120 12.21 -18.48 -15.30
CA ALA A 120 11.47 -17.80 -14.25
C ALA A 120 10.71 -18.83 -13.42
N THR A 121 10.67 -18.62 -12.12
CA THR A 121 10.07 -19.58 -11.19
C THR A 121 8.55 -19.42 -11.00
N TYR A 122 8.01 -18.25 -11.30
CA TYR A 122 6.57 -18.04 -11.26
C TYR A 122 6.15 -16.97 -12.24
N TYR A 123 4.86 -16.95 -12.57
CA TYR A 123 4.31 -15.90 -13.42
C TYR A 123 3.13 -15.21 -12.72
N ASN A 124 3.25 -13.90 -12.52
CA ASN A 124 2.19 -13.08 -11.93
C ASN A 124 1.18 -12.60 -12.98
N VAL A 125 -0.10 -12.75 -12.70
CA VAL A 125 -1.15 -12.33 -13.64
C VAL A 125 -2.14 -11.32 -12.99
N ASP A 126 -2.21 -10.09 -13.52
CA ASP A 126 -3.17 -9.07 -13.03
C ASP A 126 -4.59 -9.54 -13.24
N MET A 127 -5.29 -9.80 -12.15
CA MET A 127 -6.67 -10.30 -12.24
C MET A 127 -7.76 -9.25 -11.97
N LEU A 128 -7.48 -8.32 -11.06
CA LEU A 128 -8.52 -7.40 -10.60
C LEU A 128 -7.97 -6.05 -10.22
N LYS A 129 -8.56 -4.97 -10.72
CA LYS A 129 -8.17 -3.65 -10.24
C LYS A 129 -9.39 -2.96 -9.62
N TYR A 130 -9.17 -2.19 -8.55
CA TYR A 130 -10.30 -1.70 -7.78
C TYR A 130 -10.02 -0.51 -6.88
N GLN A 131 -11.10 0.18 -6.55
CA GLN A 131 -11.08 1.18 -5.49
C GLN A 131 -11.73 0.59 -4.23
N VAL A 132 -11.42 1.21 -3.11
CA VAL A 132 -11.97 0.82 -1.81
C VAL A 132 -12.64 2.03 -1.25
N SER A 133 -13.95 1.93 -1.04
CA SER A 133 -14.72 3.00 -0.40
C SER A 133 -14.09 3.36 0.93
N ALA A 134 -13.78 4.62 1.13
CA ALA A 134 -13.10 5.05 2.35
C ALA A 134 -13.89 6.17 3.03
N GLN A 135 -14.04 6.07 4.34
CA GLN A 135 -14.79 7.08 5.10
C GLN A 135 -13.83 8.00 5.86
N GLY A 136 -13.16 8.89 5.12
CA GLY A 136 -12.35 9.93 5.71
C GLY A 136 -11.26 9.44 6.64
N ILE A 137 -10.96 10.27 7.65
CA ILE A 137 -9.85 10.04 8.57
C ILE A 137 -9.84 8.63 9.19
N GLN A 138 -11.02 8.03 9.37
CA GLN A 138 -11.12 6.69 9.95
C GLN A 138 -10.43 5.61 9.09
N SER A 139 -10.48 5.78 7.76
CA SER A 139 -9.93 4.82 6.81
C SER A 139 -8.43 4.98 6.59
N THR A 140 -7.78 5.74 7.46
CA THR A 140 -6.39 6.13 7.26
C THR A 140 -5.49 5.46 8.30
N PRO A 141 -4.48 4.71 7.87
CA PRO A 141 -3.70 3.96 8.86
C PRO A 141 -2.72 4.81 9.67
N LEU A 142 -2.34 5.98 9.16
CA LEU A 142 -1.54 6.92 9.96
C LEU A 142 -2.19 8.30 9.98
N ASN A 143 -2.94 8.60 11.05
CA ASN A 143 -3.48 9.95 11.23
C ASN A 143 -2.37 10.97 11.41
N LEU A 144 -2.48 12.10 10.71
CA LEU A 144 -1.45 13.14 10.75
C LEU A 144 -2.05 14.51 11.00
N ALA A 145 -1.35 15.35 11.75
CA ALA A 145 -1.72 16.76 11.87
C ALA A 145 -0.45 17.60 11.99
N VAL A 146 -0.32 18.62 11.16
CA VAL A 146 0.90 19.42 11.14
C VAL A 146 0.67 20.87 11.50
N ASN A 147 1.56 21.41 12.33
CA ASN A 147 1.45 22.81 12.65
C ASN A 147 2.77 23.56 12.45
N TRP A 148 2.67 24.76 11.87
CA TRP A 148 3.81 25.61 11.58
C TRP A 148 3.62 26.92 12.28
N ARG A 149 4.66 27.38 12.97
CA ARG A 149 4.69 28.73 13.51
C ARG A 149 5.79 29.48 12.76
N CYS A 150 5.39 30.44 11.95
CA CYS A 150 6.35 31.15 11.10
C CYS A 150 6.67 32.55 11.58
N GLU A 151 7.79 32.67 12.29
CA GLU A 151 8.34 33.96 12.71
C GLU A 151 9.12 34.57 11.55
N PRO A 152 9.36 35.90 11.58
CA PRO A 152 10.15 36.52 10.51
C PRO A 152 11.56 35.93 10.41
N SER A 153 12.10 35.52 11.55
CA SER A 153 13.49 35.11 11.64
C SER A 153 13.65 33.68 12.13
N SER A 154 12.55 32.93 12.15
CA SER A 154 12.55 31.59 12.75
C SER A 154 11.40 30.73 12.23
N THR A 155 11.46 29.43 12.51
CA THR A 155 10.37 28.53 12.11
C THR A 155 10.22 27.35 13.07
N ASP A 156 8.99 27.13 13.56
CA ASP A 156 8.71 26.01 14.43
C ASP A 156 7.83 25.01 13.69
N LEU A 157 8.26 23.75 13.66
CA LEU A 157 7.50 22.67 13.02
C LEU A 157 7.09 21.59 14.03
N ARG A 158 5.81 21.24 13.99
CA ARG A 158 5.27 20.15 14.81
C ARG A 158 4.50 19.17 13.93
N ILE A 159 4.85 17.90 14.05
CA ILE A 159 4.16 16.84 13.31
C ILE A 159 3.58 15.88 14.33
N ASP A 160 2.26 15.83 14.42
CA ASP A 160 1.62 14.87 15.30
C ASP A 160 1.11 13.69 14.47
N TYR A 161 1.35 12.49 14.97
CA TYR A 161 0.89 11.31 14.25
C TYR A 161 0.28 10.29 15.20
N LYS A 162 -0.61 9.46 14.66
CA LYS A 162 -1.28 8.42 15.42
C LYS A 162 -1.49 7.18 14.56
N TYR A 163 -0.91 6.07 14.98
CA TYR A 163 -1.20 4.78 14.39
C TYR A 163 -2.66 4.41 14.71
N ASN A 164 -3.38 3.99 13.68
CA ASN A 164 -4.82 3.81 13.76
C ASN A 164 -5.19 2.40 13.32
N THR A 165 -5.48 1.53 14.28
CA THR A 165 -5.78 0.13 14.00
C THR A 165 -7.11 -0.05 13.25
N ASP A 166 -8.02 0.90 13.44
CA ASP A 166 -9.36 0.81 12.87
C ASP A 166 -9.38 0.77 11.32
N ALA A 167 -8.34 1.33 10.70
CA ALA A 167 -8.23 1.40 9.24
C ALA A 167 -7.91 0.08 8.56
N MET A 168 -7.50 -0.91 9.35
CA MET A 168 -6.92 -2.13 8.82
C MET A 168 -7.64 -3.34 9.37
N THR A 169 -7.69 -4.40 8.57
CA THR A 169 -8.46 -5.60 8.92
C THR A 169 -8.00 -6.16 10.26
N THR A 170 -6.70 -6.38 10.37
CA THR A 170 -6.09 -6.81 11.61
C THR A 170 -4.88 -5.94 11.87
N ALA A 171 -4.59 -5.69 13.15
CA ALA A 171 -3.55 -4.73 13.53
C ALA A 171 -2.13 -5.21 13.20
N VAL A 172 -1.45 -4.49 12.33
CA VAL A 172 -0.08 -4.79 11.98
C VAL A 172 0.75 -3.51 11.80
N ALA A 173 2.08 -3.66 11.75
CA ALA A 173 2.99 -2.50 11.80
C ALA A 173 3.10 -1.74 10.47
N LEU A 174 3.47 -0.46 10.55
CA LEU A 174 3.87 0.31 9.37
C LEU A 174 5.41 0.33 9.31
N ASN A 175 5.97 -0.07 8.17
CA ASN A 175 7.42 -0.23 8.02
C ASN A 175 8.04 0.85 7.15
N ASN A 176 9.30 1.18 7.44
CA ASN A 176 10.03 2.17 6.68
C ASN A 176 9.22 3.47 6.59
N VAL A 177 8.84 4.02 7.74
CA VAL A 177 8.05 5.24 7.73
C VAL A 177 8.96 6.44 7.56
N GLN A 178 8.65 7.24 6.56
CA GLN A 178 9.46 8.41 6.23
C GLN A 178 8.60 9.66 6.25
N PHE A 179 9.11 10.67 6.95
CA PHE A 179 8.47 11.98 6.97
C PHE A 179 9.42 12.98 6.30
N LEU A 180 9.03 13.48 5.15
CA LEU A 180 9.87 14.41 4.40
C LEU A 180 9.17 15.76 4.28
N VAL A 181 9.83 16.82 4.71
CA VAL A 181 9.26 18.16 4.54
C VAL A 181 10.28 19.26 4.18
N PRO A 182 10.02 19.97 3.06
CA PRO A 182 10.81 21.11 2.58
C PRO A 182 10.71 22.33 3.49
N ILE A 183 11.86 22.91 3.82
CA ILE A 183 11.90 24.11 4.64
C ILE A 183 12.40 25.31 3.84
N ASP A 184 11.48 26.22 3.52
CA ASP A 184 11.73 27.44 2.75
C ASP A 184 12.43 28.48 3.64
N GLY A 185 12.95 29.54 3.04
CA GLY A 185 13.36 30.71 3.81
C GLY A 185 14.85 30.98 3.97
N GLY A 186 15.68 29.99 3.68
CA GLY A 186 17.11 30.15 3.79
C GLY A 186 17.64 29.61 5.10
N VAL A 187 17.46 28.32 5.30
CA VAL A 187 17.83 27.68 6.55
C VAL A 187 19.32 27.80 6.89
N THR A 188 19.58 27.99 8.18
CA THR A 188 20.92 28.22 8.66
C THR A 188 21.31 27.20 9.73
N LYS A 189 20.45 27.07 10.74
CA LYS A 189 20.73 26.16 11.84
C LYS A 189 19.44 25.41 12.22
N LEU A 190 19.61 24.17 12.66
CA LEU A 190 18.51 23.37 13.17
C LEU A 190 18.67 23.19 14.68
N GLN A 191 17.70 23.68 15.45
CA GLN A 191 17.70 23.49 16.89
C GLN A 191 16.50 22.66 17.33
N ALA A 192 16.56 22.17 18.56
CA ALA A 192 15.45 21.50 19.22
C ALA A 192 14.77 20.42 18.40
N VAL A 193 15.56 19.46 17.92
CA VAL A 193 15.02 18.37 17.09
C VAL A 193 14.84 17.07 17.89
N LEU A 194 13.63 16.52 17.82
CA LEU A 194 13.30 15.31 18.55
C LEU A 194 12.13 14.61 17.86
N PRO A 195 12.30 13.35 17.45
CA PRO A 195 13.51 12.53 17.50
C PRO A 195 14.54 13.00 16.46
N PRO A 196 15.77 12.42 16.46
CA PRO A 196 16.77 12.85 15.47
C PRO A 196 16.30 12.70 14.02
N ALA A 197 16.62 13.72 13.22
CA ALA A 197 16.29 13.70 11.81
C ALA A 197 17.52 13.94 10.95
N VAL A 198 17.32 14.20 9.67
CA VAL A 198 18.42 14.40 8.74
C VAL A 198 18.20 15.63 7.87
N TRP A 199 19.20 16.52 7.86
CA TRP A 199 19.11 17.73 7.05
C TRP A 199 19.74 17.59 5.68
N ASN A 200 18.93 17.74 4.63
CA ASN A 200 19.42 17.84 3.27
C ASN A 200 19.61 19.32 2.92
N ALA A 201 20.87 19.75 2.90
CA ALA A 201 21.22 21.13 2.60
C ALA A 201 21.02 21.52 1.12
N GLU A 202 21.40 20.64 0.20
CA GLU A 202 21.25 20.93 -1.24
C GLU A 202 19.77 21.08 -1.64
N GLN A 203 18.91 20.28 -1.01
CA GLN A 203 17.48 20.30 -1.31
C GLN A 203 16.68 21.12 -0.31
N GLN A 204 17.36 21.61 0.73
CA GLN A 204 16.74 22.40 1.79
C GLN A 204 15.48 21.71 2.33
N ARG A 205 15.67 20.54 2.93
CA ARG A 205 14.53 19.79 3.43
C ARG A 205 14.92 18.77 4.51
N ILE A 206 13.98 18.48 5.41
CA ILE A 206 14.25 17.62 6.55
C ILE A 206 13.51 16.29 6.48
N LEU A 207 14.18 15.23 6.89
CA LEU A 207 13.64 13.89 6.79
C LEU A 207 13.80 13.13 8.11
N TRP A 208 12.69 12.55 8.57
CA TRP A 208 12.71 11.67 9.73
C TRP A 208 12.42 10.26 9.24
N LYS A 209 13.09 9.29 9.84
CA LYS A 209 12.77 7.91 9.56
C LYS A 209 12.46 7.15 10.85
N ILE A 210 11.28 6.54 10.89
CA ILE A 210 10.92 5.59 11.94
C ILE A 210 10.75 4.23 11.31
N PRO A 211 11.56 3.25 11.74
CA PRO A 211 11.56 1.92 11.13
C PRO A 211 10.26 1.14 11.37
N ASP A 212 9.72 1.20 12.59
CA ASP A 212 8.52 0.43 12.93
C ASP A 212 7.51 1.26 13.74
N ILE A 213 6.28 1.39 13.22
CA ILE A 213 5.18 1.99 13.97
C ILE A 213 4.01 1.02 14.12
N SER A 214 3.71 0.65 15.37
CA SER A 214 2.60 -0.25 15.66
C SER A 214 2.15 -0.09 17.10
N GLN A 215 1.19 -0.92 17.51
CA GLN A 215 0.74 -0.92 18.89
C GLN A 215 1.86 -1.34 19.85
N LYS A 216 2.84 -2.09 19.34
CA LYS A 216 3.96 -2.51 20.17
C LYS A 216 5.05 -1.45 20.25
N SER A 217 4.80 -0.29 19.65
CA SER A 217 5.75 0.82 19.69
C SER A 217 5.47 1.68 20.91
N GLU A 218 6.36 2.65 21.17
CA GLU A 218 6.20 3.57 22.28
C GLU A 218 4.95 4.43 22.12
N ASN A 219 4.15 4.48 23.18
CA ASN A 219 2.88 5.23 23.23
C ASN A 219 1.78 4.68 22.32
N GLY A 220 1.98 3.46 21.83
CA GLY A 220 0.97 2.78 21.02
C GLY A 220 0.81 3.44 19.66
N GLY A 221 1.92 3.87 19.08
CA GLY A 221 1.92 4.45 17.76
C GLY A 221 1.47 5.91 17.74
N VAL A 222 1.49 6.55 18.89
CA VAL A 222 1.12 7.95 19.00
C VAL A 222 2.36 8.77 19.30
N GLY A 223 2.71 9.71 18.44
CA GLY A 223 3.92 10.48 18.70
C GLY A 223 4.08 11.82 17.99
N SER A 224 5.13 12.56 18.36
CA SER A 224 5.38 13.86 17.73
C SER A 224 6.81 14.05 17.22
N LEU A 225 6.92 14.54 15.99
CA LEU A 225 8.20 15.00 15.46
C LEU A 225 8.28 16.51 15.67
N LEU A 226 9.43 17.00 16.12
CA LEU A 226 9.60 18.43 16.40
C LEU A 226 10.88 18.99 15.80
N ALA A 227 10.79 20.20 15.23
CA ALA A 227 12.00 20.87 14.75
C ALA A 227 11.94 22.40 14.84
N ARG A 228 13.09 23.04 15.05
CA ARG A 228 13.18 24.50 14.97
C ARG A 228 14.28 24.94 13.99
N PHE A 229 13.99 25.96 13.20
CA PHE A 229 14.92 26.42 12.15
C PHE A 229 15.23 27.90 12.28
N GLN A 230 16.51 28.25 12.13
CA GLN A 230 16.92 29.64 12.03
C GLN A 230 16.98 30.10 10.56
N LEU A 231 16.41 31.26 10.27
CA LEU A 231 16.23 31.72 8.88
C LEU A 231 17.12 32.91 8.52
N SER A 232 17.85 32.77 7.41
CA SER A 232 18.73 33.81 6.90
C SER A 232 17.93 34.93 6.25
N GLU A 233 16.89 34.54 5.51
CA GLU A 233 15.94 35.52 5.00
C GLU A 233 14.65 35.45 5.79
N GLY A 234 13.83 34.44 5.50
CA GLY A 234 12.56 34.29 6.19
C GLY A 234 11.56 35.35 5.78
N PRO A 235 10.28 35.14 6.11
CA PRO A 235 9.79 33.94 6.83
C PRO A 235 9.52 32.80 5.85
N SER A 236 9.35 31.58 6.34
CA SER A 236 9.08 30.43 5.47
C SER A 236 7.60 30.29 5.11
N LYS A 237 7.32 29.79 3.90
CA LYS A 237 5.96 29.41 3.52
C LYS A 237 5.82 27.92 3.69
N PRO A 238 4.82 27.49 4.48
CA PRO A 238 4.57 26.07 4.74
C PRO A 238 4.47 25.28 3.44
N SER A 239 5.20 24.17 3.39
CA SER A 239 5.11 23.27 2.28
C SER A 239 4.51 21.95 2.77
N PRO A 240 3.92 21.17 1.86
CA PRO A 240 3.34 19.86 2.19
C PRO A 240 4.31 18.86 2.80
N LEU A 241 3.90 18.20 3.89
CA LEU A 241 4.64 17.05 4.42
C LEU A 241 4.32 15.80 3.61
N VAL A 242 5.35 15.14 3.07
CA VAL A 242 5.15 13.89 2.35
C VAL A 242 5.53 12.70 3.21
N VAL A 243 4.71 11.66 3.19
CA VAL A 243 4.92 10.49 4.04
C VAL A 243 5.09 9.17 3.24
N GLN A 244 5.86 8.25 3.79
CA GLN A 244 6.00 6.97 3.11
C GLN A 244 5.92 5.87 4.13
N PHE A 245 5.27 4.77 3.73
CA PHE A 245 5.26 3.57 4.54
C PHE A 245 4.73 2.41 3.72
N THR A 246 5.19 1.22 4.08
CA THR A 246 4.64 -0.02 3.56
C THR A 246 4.22 -0.86 4.76
N SER A 247 3.48 -1.93 4.49
CA SER A 247 2.90 -2.76 5.53
C SER A 247 2.57 -4.12 4.93
N GLU A 248 2.93 -5.20 5.62
CA GLU A 248 2.62 -6.53 5.12
C GLU A 248 1.71 -7.24 6.13
N GLY A 249 0.82 -8.09 5.63
CA GLY A 249 0.00 -8.92 6.51
C GLY A 249 -1.49 -8.61 6.57
N SER A 250 -1.90 -7.45 6.08
CA SER A 250 -3.30 -7.06 6.15
C SER A 250 -3.68 -6.19 4.96
N THR A 251 -4.94 -6.24 4.56
CA THR A 251 -5.49 -5.31 3.59
C THR A 251 -6.19 -4.19 4.35
N LEU A 252 -6.58 -3.14 3.62
CA LEU A 252 -7.38 -2.08 4.19
C LEU A 252 -8.86 -2.44 3.97
N SER A 253 -9.13 -3.22 2.94
CA SER A 253 -10.49 -3.55 2.54
C SER A 253 -11.15 -4.65 3.37
N GLY A 254 -10.37 -5.63 3.80
CA GLY A 254 -10.95 -6.80 4.44
C GLY A 254 -11.32 -7.90 3.46
N CYS A 255 -10.98 -7.72 2.19
CA CYS A 255 -11.15 -8.77 1.17
C CYS A 255 -10.22 -9.97 1.37
N ASP A 256 -10.76 -11.17 1.20
CA ASP A 256 -9.90 -12.35 1.08
C ASP A 256 -10.25 -13.06 -0.22
N ILE A 257 -9.64 -14.22 -0.45
CA ILE A 257 -9.96 -14.99 -1.64
C ILE A 257 -10.09 -16.47 -1.30
N GLU A 258 -10.90 -17.17 -2.08
CA GLU A 258 -11.16 -18.56 -1.81
C GLU A 258 -11.22 -19.29 -3.14
N LEU A 259 -10.72 -20.52 -3.17
CA LEU A 259 -10.85 -21.33 -4.37
C LEU A 259 -12.19 -22.04 -4.36
N VAL A 260 -12.80 -22.13 -5.54
CA VAL A 260 -14.05 -22.85 -5.70
C VAL A 260 -13.85 -23.97 -6.72
N GLY A 261 -14.15 -25.20 -6.32
CA GLY A 261 -13.99 -26.32 -7.22
C GLY A 261 -12.60 -26.93 -7.14
N ALA A 262 -12.49 -28.18 -7.57
CA ALA A 262 -11.24 -28.93 -7.41
C ALA A 262 -10.17 -28.57 -8.44
N GLY A 263 -8.96 -29.07 -8.23
CA GLY A 263 -7.89 -28.91 -9.18
C GLY A 263 -6.82 -27.96 -8.74
N TYR A 264 -7.16 -27.06 -7.82
CA TYR A 264 -6.23 -26.00 -7.46
C TYR A 264 -6.11 -25.80 -5.96
N ARG A 265 -4.91 -25.42 -5.54
CA ARG A 265 -4.64 -25.19 -4.13
C ARG A 265 -3.89 -23.87 -3.98
N PHE A 266 -4.23 -23.10 -2.96
CA PHE A 266 -3.49 -21.88 -2.67
C PHE A 266 -2.28 -22.21 -1.82
N SER A 267 -1.11 -21.78 -2.25
CA SER A 267 0.11 -22.03 -1.48
C SER A 267 0.44 -20.82 -0.61
N LEU A 268 -0.09 -19.67 -0.99
CA LEU A 268 0.15 -18.44 -0.27
C LEU A 268 -0.81 -17.37 -0.74
N ILE A 269 -1.48 -16.69 0.19
CA ILE A 269 -2.23 -15.50 -0.14
C ILE A 269 -1.53 -14.32 0.51
N LYS A 270 -0.87 -13.49 -0.28
CA LYS A 270 -0.18 -12.36 0.34
C LYS A 270 -1.04 -11.09 0.34
N LYS A 271 -1.23 -10.51 1.52
CA LYS A 271 -1.94 -9.24 1.69
C LYS A 271 -0.95 -8.16 2.14
N ARG A 272 -0.97 -7.00 1.50
CA ARG A 272 -0.13 -5.87 1.93
C ARG A 272 -0.69 -4.50 1.49
N PHE A 273 -0.23 -3.44 2.13
CA PHE A 273 -0.61 -2.09 1.70
C PHE A 273 0.51 -1.07 1.84
N ALA A 274 0.30 0.11 1.25
CA ALA A 274 1.35 1.11 1.23
C ALA A 274 0.78 2.48 0.98
N ALA A 275 1.43 3.50 1.54
CA ALA A 275 1.08 4.86 1.18
C ALA A 275 1.45 5.10 -0.29
N GLY A 276 0.60 5.88 -0.95
CA GLY A 276 0.88 6.41 -2.29
C GLY A 276 1.17 7.88 -2.08
N LYS A 277 0.28 8.76 -2.52
CA LYS A 277 0.39 10.17 -2.19
C LYS A 277 -0.20 10.44 -0.79
N TYR A 278 0.67 10.51 0.21
CA TYR A 278 0.23 10.66 1.58
C TYR A 278 0.71 12.00 2.16
N LEU A 279 -0.12 13.03 2.08
CA LEU A 279 0.29 14.40 2.40
C LEU A 279 -0.47 15.10 3.55
N ALA A 280 0.16 16.13 4.10
CA ALA A 280 -0.44 16.93 5.16
C ALA A 280 -0.07 18.41 5.05
N ASP A 281 -1.07 19.29 4.93
CA ASP A 281 -0.80 20.74 4.92
C ASP A 281 -0.94 21.32 6.31
N ASN A 282 -0.45 22.55 6.45
CA ASN A 282 -0.69 23.36 7.65
C ASN A 282 -2.08 23.97 7.53
N TYR B 1 6.44 -4.29 -10.90
CA TYR B 1 6.25 -4.48 -9.48
C TYR B 1 5.80 -5.89 -9.13
N ASP B 2 6.58 -6.59 -8.32
CA ASP B 2 6.24 -7.94 -7.91
C ASP B 2 5.83 -8.04 -6.44
N PRO B 3 4.60 -8.48 -6.19
CA PRO B 3 4.08 -8.54 -4.82
C PRO B 3 4.76 -9.61 -3.96
N PHE B 4 5.33 -10.63 -4.60
CA PHE B 4 5.98 -11.70 -3.86
C PHE B 4 7.48 -11.51 -3.67
N LYS B 5 8.09 -10.69 -4.53
CA LYS B 5 9.54 -10.50 -4.54
C LYS B 5 10.07 -10.13 -3.16
N GLY B 6 11.13 -10.82 -2.72
CA GLY B 6 11.77 -11.84 -3.51
C GLY B 6 11.43 -13.28 -3.12
N SER B 7 10.69 -13.41 -2.01
CA SER B 7 10.33 -14.73 -1.47
C SER B 7 9.62 -15.59 -2.49
N ASP B 8 9.67 -16.90 -2.28
CA ASP B 8 9.04 -17.82 -3.20
C ASP B 8 7.73 -18.36 -2.64
N PRO B 9 6.66 -18.25 -3.43
CA PRO B 9 5.30 -18.72 -3.12
C PRO B 9 5.16 -20.25 -3.11
N PHE B 10 6.01 -20.95 -3.85
CA PHE B 10 5.89 -22.40 -3.94
C PHE B 10 7.09 -23.11 -3.30
N ALA B 11 7.21 -22.98 -1.98
CA ALA B 11 8.33 -23.55 -1.24
C ALA B 11 7.92 -23.94 0.17
#